data_3N5H
#
_entry.id   3N5H
#
_cell.length_a   111.062
_cell.length_b   111.062
_cell.length_c   78.468
_cell.angle_alpha   90.00
_cell.angle_beta   90.00
_cell.angle_gamma   90.00
#
_symmetry.space_group_name_H-M   'P 41 21 2'
#
loop_
_entity.id
_entity.type
_entity.pdbx_description
1 polymer 'FARNESYL PYROPHOSPHATE SYNTHASE'
2 non-polymer '3-(carboxymethyl)-4,7-dichloro-1H-indole-2-carboxylic acid'
3 non-polymer 'PHOSPHATE ION'
4 water water
#
_entity_poly.entity_id   1
_entity_poly.type   'polypeptide(L)'
_entity_poly.pdbx_seq_one_letter_code
;GPNSDVYAQEKQDFVQHFSQIVRVLTEDEMGHPEIGDAIARLKEVLEYNAIGGKYNRGLTVVVAFRELVEPRKQDADSLQ
RAWTVGWCVELLQAFFLVADDIMDSSLTRRGQICWYQKPGVGLDAINDANLLEACIYRLLKLYCREQPYYLNLIELFLQS
SYQTEIGQTLDLLTAPQGNVDLVRFTEKRYKSIVKYKTAFYSFYLPIAAAMYMAGIDGEKEHANAKKILLEMGEFFQIQD
DYLDLFGDPSVTGKIGTDIQDNKCSWLVVQCLQRATPEQYQILKENYGQKEAEKVARVKALYEELDLPAVFLQYEEDSYS
HIMALIEQYAAPLPPAVFLGLARKIYKRRK
;
_entity_poly.pdbx_strand_id   F
#
# COMPACT_ATOMS: atom_id res chain seq x y z
N ASP A 5 17.64 10.88 -9.19
CA ASP A 5 16.39 10.31 -8.61
C ASP A 5 15.86 9.16 -9.47
N VAL A 6 16.19 7.94 -9.06
CA VAL A 6 15.76 6.74 -9.78
C VAL A 6 14.26 6.75 -9.99
N TYR A 7 13.52 7.22 -8.99
CA TYR A 7 12.07 7.29 -9.07
C TYR A 7 11.61 8.41 -9.99
N ALA A 8 11.89 9.65 -9.60
CA ALA A 8 11.48 10.82 -10.37
C ALA A 8 11.72 10.69 -11.87
N GLN A 9 12.77 9.97 -12.24
CA GLN A 9 13.10 9.79 -13.64
C GLN A 9 12.40 8.59 -14.26
N GLU A 10 12.57 7.44 -13.63
CA GLU A 10 11.95 6.22 -14.13
C GLU A 10 10.43 6.33 -14.08
N LYS A 11 9.92 7.26 -13.26
CA LYS A 11 8.49 7.46 -13.11
C LYS A 11 7.78 7.78 -14.42
N GLN A 12 8.43 8.56 -15.27
CA GLN A 12 7.85 8.95 -16.55
C GLN A 12 7.63 7.74 -17.45
N ASP A 13 8.61 6.85 -17.48
CA ASP A 13 8.54 5.65 -18.32
C ASP A 13 7.46 4.69 -17.81
N PHE A 14 7.23 4.69 -16.51
CA PHE A 14 6.24 3.82 -15.91
C PHE A 14 4.84 4.29 -16.24
N VAL A 15 4.51 5.51 -15.87
CA VAL A 15 3.20 6.08 -16.14
C VAL A 15 2.81 6.04 -17.61
N GLN A 16 3.78 6.27 -18.49
CA GLN A 16 3.48 6.28 -19.92
C GLN A 16 3.11 4.89 -20.43
N HIS A 17 3.54 3.85 -19.70
CA HIS A 17 3.23 2.49 -20.11
C HIS A 17 1.75 2.15 -19.87
N PHE A 18 1.12 2.89 -18.96
CA PHE A 18 -0.29 2.65 -18.62
C PHE A 18 -1.19 2.57 -19.84
N SER A 19 -0.99 3.47 -20.79
CA SER A 19 -1.78 3.51 -22.01
C SER A 19 -1.70 2.17 -22.75
N GLN A 20 -0.55 1.51 -22.66
CA GLN A 20 -0.40 0.23 -23.32
C GLN A 20 -1.10 -0.86 -22.52
N ILE A 21 -1.05 -0.73 -21.20
CA ILE A 21 -1.70 -1.67 -20.28
C ILE A 21 -3.20 -1.70 -20.58
N VAL A 22 -3.80 -0.51 -20.65
CA VAL A 22 -5.21 -0.41 -20.94
C VAL A 22 -5.53 -1.03 -22.31
N ARG A 23 -4.74 -0.66 -23.32
CA ARG A 23 -4.92 -1.16 -24.67
C ARG A 23 -4.97 -2.69 -24.67
N VAL A 24 -3.94 -3.31 -24.11
CA VAL A 24 -3.88 -4.76 -24.07
C VAL A 24 -5.05 -5.41 -23.33
N LEU A 25 -5.51 -4.80 -22.24
CA LEU A 25 -6.61 -5.33 -21.45
C LEU A 25 -7.95 -5.16 -22.15
N THR A 26 -8.10 -4.09 -22.92
CA THR A 26 -9.34 -3.85 -23.61
C THR A 26 -9.15 -4.23 -25.08
N GLU A 27 -8.47 -5.34 -25.31
CA GLU A 27 -8.20 -5.81 -26.66
C GLU A 27 -9.03 -7.05 -27.01
N ASP A 28 -9.33 -7.86 -25.99
CA ASP A 28 -10.11 -9.08 -26.19
C ASP A 28 -11.50 -8.73 -26.70
N GLU A 29 -11.80 -7.43 -26.64
CA GLU A 29 -13.08 -6.89 -27.11
C GLU A 29 -13.21 -7.10 -28.61
N MET A 30 -12.08 -7.40 -29.24
CA MET A 30 -12.02 -7.64 -30.68
C MET A 30 -12.87 -8.85 -31.08
N GLY A 31 -12.32 -10.05 -30.84
CA GLY A 31 -13.04 -11.26 -31.18
C GLY A 31 -14.29 -11.53 -30.37
N HIS A 32 -14.66 -10.60 -29.51
CA HIS A 32 -15.86 -10.76 -28.67
C HIS A 32 -16.63 -9.45 -28.50
N PRO A 33 -17.14 -8.89 -29.62
CA PRO A 33 -17.90 -7.64 -29.59
C PRO A 33 -19.10 -7.70 -28.66
N GLU A 34 -19.48 -8.92 -28.27
CA GLU A 34 -20.60 -9.16 -27.37
C GLU A 34 -20.40 -8.50 -25.99
N ILE A 35 -19.17 -8.54 -25.51
CA ILE A 35 -18.82 -7.98 -24.22
C ILE A 35 -18.25 -6.57 -24.38
N GLY A 36 -18.50 -5.97 -25.54
CA GLY A 36 -18.01 -4.64 -25.82
C GLY A 36 -18.36 -3.61 -24.76
N ASP A 37 -19.63 -3.54 -24.36
CA ASP A 37 -20.02 -2.58 -23.36
C ASP A 37 -19.37 -2.87 -22.01
N ALA A 38 -19.06 -4.14 -21.75
CA ALA A 38 -18.42 -4.53 -20.50
C ALA A 38 -16.96 -4.07 -20.54
N ILE A 39 -16.31 -4.28 -21.67
CA ILE A 39 -14.92 -3.87 -21.81
C ILE A 39 -14.80 -2.35 -21.72
N ALA A 40 -15.82 -1.63 -22.19
CA ALA A 40 -15.80 -0.17 -22.11
C ALA A 40 -15.88 0.25 -20.64
N ARG A 41 -16.71 -0.44 -19.85
CA ARG A 41 -16.83 -0.12 -18.43
C ARG A 41 -15.48 -0.41 -17.76
N LEU A 42 -14.86 -1.53 -18.10
CA LEU A 42 -13.57 -1.90 -17.53
C LEU A 42 -12.54 -0.81 -17.78
N LYS A 43 -12.46 -0.33 -19.03
CA LYS A 43 -11.51 0.73 -19.35
C LYS A 43 -11.75 1.94 -18.45
N GLU A 44 -13.01 2.31 -18.26
CA GLU A 44 -13.34 3.43 -17.43
C GLU A 44 -12.91 3.20 -15.98
N VAL A 45 -13.07 1.96 -15.50
CA VAL A 45 -12.70 1.62 -14.13
C VAL A 45 -11.18 1.75 -13.95
N LEU A 46 -10.44 1.23 -14.92
CA LEU A 46 -8.99 1.29 -14.91
C LEU A 46 -8.47 2.73 -14.90
N GLU A 47 -8.95 3.54 -15.83
CA GLU A 47 -8.50 4.92 -15.92
C GLU A 47 -8.83 5.76 -14.70
N TYR A 48 -10.00 5.54 -14.11
CA TYR A 48 -10.39 6.30 -12.94
C TYR A 48 -9.63 5.87 -11.68
N ASN A 49 -9.45 4.57 -11.50
CA ASN A 49 -8.84 4.04 -10.27
C ASN A 49 -7.38 3.64 -10.23
N ALA A 50 -6.77 3.36 -11.37
CA ALA A 50 -5.35 2.97 -11.38
C ALA A 50 -4.44 4.17 -11.58
N ILE A 51 -5.03 5.31 -11.93
CA ILE A 51 -4.26 6.53 -12.13
C ILE A 51 -4.58 7.58 -11.07
N GLY A 52 -3.56 8.34 -10.65
CA GLY A 52 -3.79 9.38 -9.66
C GLY A 52 -3.03 9.26 -8.35
N GLY A 53 -2.41 8.10 -8.11
CA GLY A 53 -1.64 7.91 -6.89
C GLY A 53 -0.19 8.33 -7.10
N LYS A 54 0.73 7.71 -6.35
CA LYS A 54 2.15 8.05 -6.48
C LYS A 54 2.95 6.98 -7.21
N TYR A 55 2.33 5.82 -7.41
CA TYR A 55 2.94 4.70 -8.12
C TYR A 55 4.20 4.14 -7.48
N ASN A 56 4.41 4.44 -6.20
CA ASN A 56 5.60 3.95 -5.51
C ASN A 56 5.71 2.44 -5.47
N ARG A 57 4.59 1.75 -5.29
CA ARG A 57 4.63 0.30 -5.24
C ARG A 57 5.05 -0.28 -6.59
N GLY A 58 4.40 0.21 -7.65
CA GLY A 58 4.76 -0.28 -8.97
C GLY A 58 6.18 0.07 -9.37
N LEU A 59 6.58 1.31 -9.15
CA LEU A 59 7.92 1.77 -9.51
C LEU A 59 9.00 0.96 -8.79
N THR A 60 8.69 0.49 -7.60
CA THR A 60 9.63 -0.29 -6.82
C THR A 60 9.99 -1.56 -7.58
N VAL A 61 8.99 -2.16 -8.22
CA VAL A 61 9.24 -3.37 -8.99
C VAL A 61 10.30 -3.07 -10.06
N VAL A 62 10.10 -2.01 -10.83
CA VAL A 62 11.03 -1.62 -11.89
C VAL A 62 12.43 -1.30 -11.35
N VAL A 63 12.49 -0.42 -10.37
CA VAL A 63 13.76 -0.04 -9.76
C VAL A 63 14.51 -1.27 -9.26
N ALA A 64 13.81 -2.12 -8.50
CA ALA A 64 14.45 -3.31 -7.98
C ALA A 64 14.88 -4.24 -9.11
N PHE A 65 14.09 -4.29 -10.16
CA PHE A 65 14.41 -5.16 -11.29
C PHE A 65 15.76 -4.78 -11.91
N ARG A 66 15.92 -3.49 -12.19
CA ARG A 66 17.15 -2.98 -12.77
C ARG A 66 18.39 -3.23 -11.91
N GLU A 67 18.24 -3.14 -10.60
CA GLU A 67 19.35 -3.35 -9.69
C GLU A 67 19.64 -4.83 -9.46
N LEU A 68 18.64 -5.67 -9.68
CA LEU A 68 18.83 -7.11 -9.47
C LEU A 68 19.22 -7.88 -10.73
N VAL A 69 18.86 -7.35 -11.89
CA VAL A 69 19.17 -8.00 -13.15
C VAL A 69 20.30 -7.32 -13.92
N GLU A 70 21.32 -8.10 -14.27
CA GLU A 70 22.48 -7.60 -15.00
C GLU A 70 22.02 -6.84 -16.24
N PRO A 71 22.67 -5.70 -16.52
CA PRO A 71 22.35 -4.85 -17.68
C PRO A 71 22.30 -5.56 -19.02
N ARG A 72 23.04 -6.66 -19.16
CA ARG A 72 23.05 -7.39 -20.43
C ARG A 72 21.83 -8.27 -20.59
N LYS A 73 21.11 -8.50 -19.50
CA LYS A 73 19.89 -9.32 -19.53
C LYS A 73 18.67 -8.43 -19.46
N GLN A 74 18.87 -7.12 -19.60
CA GLN A 74 17.78 -6.17 -19.55
C GLN A 74 17.33 -5.76 -20.96
N ASP A 75 16.91 -6.74 -21.75
CA ASP A 75 16.45 -6.50 -23.11
C ASP A 75 15.11 -5.75 -23.10
N ALA A 76 14.73 -5.21 -24.25
CA ALA A 76 13.48 -4.47 -24.36
C ALA A 76 12.28 -5.27 -23.85
N ASP A 77 12.33 -6.57 -24.04
CA ASP A 77 11.26 -7.45 -23.60
C ASP A 77 11.23 -7.63 -22.09
N SER A 78 12.41 -7.81 -21.48
CA SER A 78 12.50 -7.99 -20.05
C SER A 78 12.00 -6.75 -19.31
N LEU A 79 12.32 -5.59 -19.85
CA LEU A 79 11.91 -4.33 -19.27
C LEU A 79 10.41 -4.14 -19.47
N GLN A 80 9.90 -4.68 -20.57
CA GLN A 80 8.48 -4.59 -20.90
C GLN A 80 7.71 -5.31 -19.79
N ARG A 81 8.18 -6.51 -19.45
CA ARG A 81 7.58 -7.34 -18.42
C ARG A 81 7.67 -6.66 -17.05
N ALA A 82 8.79 -5.96 -16.80
CA ALA A 82 9.01 -5.26 -15.54
C ALA A 82 7.94 -4.20 -15.33
N TRP A 83 7.70 -3.37 -16.33
CA TRP A 83 6.69 -2.33 -16.25
C TRP A 83 5.30 -2.94 -16.04
N THR A 84 5.08 -4.09 -16.68
CA THR A 84 3.77 -4.74 -16.57
C THR A 84 3.54 -5.25 -15.16
N VAL A 85 4.46 -6.03 -14.64
CA VAL A 85 4.34 -6.58 -13.29
C VAL A 85 4.23 -5.42 -12.29
N GLY A 86 4.93 -4.32 -12.57
CA GLY A 86 4.85 -3.16 -11.71
C GLY A 86 3.42 -2.62 -11.77
N TRP A 87 2.83 -2.60 -12.96
CA TRP A 87 1.49 -2.11 -13.06
C TRP A 87 0.49 -3.08 -12.43
N CYS A 88 0.86 -4.35 -12.33
CA CYS A 88 0.00 -5.34 -11.70
C CYS A 88 -0.12 -4.98 -10.22
N VAL A 89 0.98 -4.55 -9.61
CA VAL A 89 0.96 -4.16 -8.22
C VAL A 89 0.03 -2.96 -8.08
N GLU A 90 0.04 -2.06 -9.06
CA GLU A 90 -0.83 -0.90 -8.98
C GLU A 90 -2.29 -1.33 -9.14
N LEU A 91 -2.55 -2.40 -9.89
CA LEU A 91 -3.93 -2.87 -10.04
C LEU A 91 -4.40 -3.46 -8.72
N LEU A 92 -3.50 -4.18 -8.05
CA LEU A 92 -3.81 -4.77 -6.75
C LEU A 92 -4.18 -3.62 -5.79
N GLN A 93 -3.37 -2.57 -5.83
CA GLN A 93 -3.62 -1.41 -5.00
C GLN A 93 -4.99 -0.80 -5.34
N ALA A 94 -5.32 -0.73 -6.62
CA ALA A 94 -6.61 -0.14 -7.00
C ALA A 94 -7.78 -1.02 -6.58
N PHE A 95 -7.59 -2.35 -6.65
CA PHE A 95 -8.61 -3.31 -6.24
C PHE A 95 -8.92 -3.04 -4.75
N PHE A 96 -7.86 -2.93 -3.94
CA PHE A 96 -7.98 -2.68 -2.52
C PHE A 96 -8.66 -1.36 -2.16
N LEU A 97 -8.19 -0.27 -2.77
CA LEU A 97 -8.72 1.06 -2.47
C LEU A 97 -10.18 1.21 -2.85
N VAL A 98 -10.57 0.70 -4.01
CA VAL A 98 -11.98 0.81 -4.43
C VAL A 98 -12.87 0.11 -3.39
N ALA A 99 -12.47 -1.11 -3.01
CA ALA A 99 -13.23 -1.87 -2.02
C ALA A 99 -13.20 -1.25 -0.62
N ASP A 100 -12.02 -0.81 -0.20
CA ASP A 100 -11.88 -0.19 1.13
C ASP A 100 -12.66 1.11 1.26
N ASP A 101 -12.71 1.91 0.20
CA ASP A 101 -13.46 3.16 0.29
C ASP A 101 -14.93 2.86 0.52
N ILE A 102 -15.44 1.84 -0.16
CA ILE A 102 -16.83 1.43 0.03
C ILE A 102 -17.06 1.01 1.47
N MET A 103 -16.20 0.10 1.94
CA MET A 103 -16.36 -0.42 3.28
C MET A 103 -16.26 0.60 4.42
N ASP A 104 -15.55 1.71 4.24
CA ASP A 104 -15.51 2.68 5.34
C ASP A 104 -16.30 3.95 4.99
N SER A 105 -17.08 3.86 3.92
CA SER A 105 -17.90 4.98 3.48
C SER A 105 -17.13 6.27 3.26
N SER A 106 -15.97 6.20 2.62
CA SER A 106 -15.20 7.39 2.36
C SER A 106 -15.89 8.22 1.28
N LEU A 107 -15.60 9.51 1.29
CA LEU A 107 -16.18 10.44 0.34
C LEU A 107 -15.23 10.66 -0.83
N THR A 108 -13.95 10.81 -0.52
CA THR A 108 -12.95 11.08 -1.54
C THR A 108 -11.70 10.21 -1.42
N ARG A 109 -10.98 10.13 -2.53
CA ARG A 109 -9.77 9.34 -2.66
C ARG A 109 -8.88 10.11 -3.62
N ARG A 110 -7.61 10.27 -3.27
CA ARG A 110 -6.68 11.01 -4.11
C ARG A 110 -7.31 12.36 -4.45
N GLY A 111 -7.97 12.96 -3.45
CA GLY A 111 -8.59 14.25 -3.64
C GLY A 111 -9.86 14.25 -4.48
N GLN A 112 -10.09 13.18 -5.25
CA GLN A 112 -11.28 13.10 -6.10
C GLN A 112 -12.37 12.26 -5.43
N ILE A 113 -13.57 12.32 -5.99
CA ILE A 113 -14.69 11.57 -5.41
C ILE A 113 -14.45 10.06 -5.55
N CYS A 114 -14.74 9.31 -4.51
CA CYS A 114 -14.54 7.87 -4.57
C CYS A 114 -15.34 7.29 -5.71
N TRP A 115 -14.73 6.34 -6.41
CA TRP A 115 -15.37 5.68 -7.54
C TRP A 115 -16.81 5.30 -7.21
N TYR A 116 -17.04 4.58 -6.10
CA TYR A 116 -18.41 4.16 -5.78
C TYR A 116 -19.36 5.33 -5.48
N GLN A 117 -18.80 6.48 -5.10
CA GLN A 117 -19.66 7.63 -4.80
C GLN A 117 -20.12 8.31 -6.09
N LYS A 118 -19.51 7.93 -7.21
CA LYS A 118 -19.89 8.50 -8.50
C LYS A 118 -21.33 8.13 -8.85
N PRO A 119 -22.06 9.10 -9.41
CA PRO A 119 -23.46 8.86 -9.78
C PRO A 119 -23.51 7.74 -10.84
N GLY A 120 -24.36 6.75 -10.60
CA GLY A 120 -24.47 5.65 -11.53
C GLY A 120 -23.54 4.47 -11.25
N VAL A 121 -22.70 4.59 -10.23
CA VAL A 121 -21.80 3.50 -9.91
C VAL A 121 -22.31 2.80 -8.65
N GLY A 122 -22.13 3.43 -7.51
CA GLY A 122 -22.62 2.83 -6.27
C GLY A 122 -22.03 1.47 -5.98
N LEU A 123 -22.86 0.56 -5.47
CA LEU A 123 -22.41 -0.77 -5.12
C LEU A 123 -21.91 -1.60 -6.31
N ASP A 124 -22.10 -1.11 -7.52
CA ASP A 124 -21.60 -1.82 -8.69
C ASP A 124 -20.07 -1.80 -8.62
N ALA A 125 -19.53 -0.85 -7.85
CA ALA A 125 -18.09 -0.74 -7.70
C ALA A 125 -17.49 -2.02 -7.10
N ILE A 126 -18.34 -2.83 -6.46
CA ILE A 126 -17.87 -4.10 -5.88
C ILE A 126 -17.40 -5.00 -7.02
N ASN A 127 -18.19 -5.07 -8.08
CA ASN A 127 -17.78 -5.91 -9.22
C ASN A 127 -16.60 -5.23 -9.94
N ASP A 128 -16.61 -3.89 -10.00
CA ASP A 128 -15.50 -3.18 -10.64
C ASP A 128 -14.19 -3.51 -9.92
N ALA A 129 -14.23 -3.56 -8.59
CA ALA A 129 -13.03 -3.89 -7.83
C ALA A 129 -12.54 -5.28 -8.21
N ASN A 130 -13.45 -6.24 -8.31
CA ASN A 130 -13.04 -7.59 -8.67
C ASN A 130 -12.40 -7.65 -10.08
N LEU A 131 -12.91 -6.85 -11.00
CA LEU A 131 -12.32 -6.80 -12.35
C LEU A 131 -10.86 -6.31 -12.29
N LEU A 132 -10.59 -5.32 -11.44
CA LEU A 132 -9.23 -4.82 -11.29
C LEU A 132 -8.33 -5.95 -10.84
N GLU A 133 -8.82 -6.74 -9.90
CA GLU A 133 -8.07 -7.88 -9.38
C GLU A 133 -7.80 -8.87 -10.52
N ALA A 134 -8.83 -9.20 -11.28
CA ALA A 134 -8.71 -10.15 -12.39
C ALA A 134 -7.72 -9.67 -13.48
N CYS A 135 -7.65 -8.37 -13.72
CA CYS A 135 -6.74 -7.85 -14.72
C CYS A 135 -5.30 -8.19 -14.35
N ILE A 136 -5.02 -8.32 -13.06
CA ILE A 136 -3.68 -8.68 -12.64
C ILE A 136 -3.25 -9.95 -13.34
N TYR A 137 -4.05 -11.00 -13.19
CA TYR A 137 -3.72 -12.29 -13.76
C TYR A 137 -3.78 -12.32 -15.27
N ARG A 138 -4.59 -11.46 -15.87
CA ARG A 138 -4.68 -11.38 -17.32
C ARG A 138 -3.34 -10.85 -17.85
N LEU A 139 -2.80 -9.82 -17.21
CA LEU A 139 -1.52 -9.24 -17.62
C LEU A 139 -0.36 -10.22 -17.41
N LEU A 140 -0.34 -10.89 -16.27
CA LEU A 140 0.73 -11.85 -16.04
C LEU A 140 0.72 -12.95 -17.10
N LYS A 141 -0.47 -13.41 -17.48
CA LYS A 141 -0.55 -14.46 -18.48
C LYS A 141 -0.10 -13.95 -19.84
N LEU A 142 -0.52 -12.73 -20.17
CA LEU A 142 -0.19 -12.12 -21.44
C LEU A 142 1.28 -11.76 -21.63
N TYR A 143 1.99 -11.46 -20.54
CA TYR A 143 3.39 -11.08 -20.65
C TYR A 143 4.41 -12.05 -20.06
N CYS A 144 4.00 -12.90 -19.11
CA CYS A 144 4.95 -13.79 -18.46
C CYS A 144 4.60 -15.26 -18.53
N ARG A 145 3.61 -15.59 -19.35
CA ARG A 145 3.17 -16.97 -19.49
C ARG A 145 4.33 -17.93 -19.78
N GLU A 146 5.24 -17.55 -20.66
CA GLU A 146 6.36 -18.42 -21.01
C GLU A 146 7.56 -18.33 -20.07
N GLN A 147 7.58 -17.32 -19.22
CA GLN A 147 8.70 -17.16 -18.28
C GLN A 147 8.70 -18.22 -17.21
N PRO A 148 9.88 -18.60 -16.72
CA PRO A 148 10.04 -19.62 -15.67
C PRO A 148 9.54 -19.20 -14.30
N TYR A 149 9.38 -17.89 -14.10
CA TYR A 149 8.90 -17.37 -12.82
C TYR A 149 7.39 -17.03 -12.86
N TYR A 150 6.71 -17.56 -13.87
CA TYR A 150 5.27 -17.33 -14.06
C TYR A 150 4.46 -17.76 -12.84
N LEU A 151 4.58 -19.03 -12.47
CA LEU A 151 3.85 -19.55 -11.33
C LEU A 151 4.23 -18.85 -10.03
N ASN A 152 5.50 -18.51 -9.88
CA ASN A 152 5.94 -17.83 -8.67
C ASN A 152 5.17 -16.51 -8.49
N LEU A 153 5.08 -15.72 -9.56
CA LEU A 153 4.38 -14.45 -9.51
C LEU A 153 2.87 -14.60 -9.24
N ILE A 154 2.25 -15.62 -9.83
CA ILE A 154 0.84 -15.86 -9.62
C ILE A 154 0.61 -16.13 -8.14
N GLU A 155 1.42 -17.03 -7.58
CA GLU A 155 1.29 -17.37 -6.18
C GLU A 155 1.58 -16.20 -5.26
N LEU A 156 2.53 -15.34 -5.65
CA LEU A 156 2.89 -14.17 -4.85
C LEU A 156 1.74 -13.15 -4.83
N PHE A 157 1.16 -12.88 -5.99
CA PHE A 157 0.05 -11.95 -6.05
C PHE A 157 -1.15 -12.54 -5.28
N LEU A 158 -1.42 -13.83 -5.42
CA LEU A 158 -2.53 -14.44 -4.70
C LEU A 158 -2.28 -14.39 -3.17
N GLN A 159 -1.07 -14.79 -2.76
CA GLN A 159 -0.71 -14.75 -1.34
C GLN A 159 -0.81 -13.34 -0.78
N SER A 160 -0.34 -12.35 -1.53
CA SER A 160 -0.42 -10.95 -1.10
C SER A 160 -1.87 -10.48 -0.93
N SER A 161 -2.78 -10.96 -1.79
CA SER A 161 -4.18 -10.56 -1.67
C SER A 161 -4.77 -11.16 -0.40
N TYR A 162 -4.48 -12.43 -0.17
CA TYR A 162 -4.96 -13.14 1.01
C TYR A 162 -4.48 -12.42 2.28
N GLN A 163 -3.18 -12.18 2.37
CA GLN A 163 -2.60 -11.49 3.55
C GLN A 163 -3.32 -10.19 3.80
N THR A 164 -3.46 -9.40 2.73
CA THR A 164 -4.10 -8.11 2.83
C THR A 164 -5.54 -8.21 3.28
N GLU A 165 -6.28 -9.18 2.71
CA GLU A 165 -7.69 -9.34 3.09
C GLU A 165 -7.81 -9.77 4.55
N ILE A 166 -6.86 -10.57 5.01
CA ILE A 166 -6.84 -11.02 6.38
C ILE A 166 -6.60 -9.81 7.27
N GLY A 167 -5.68 -8.97 6.84
CA GLY A 167 -5.40 -7.75 7.60
C GLY A 167 -6.64 -6.86 7.63
N GLN A 168 -7.37 -6.78 6.52
CA GLN A 168 -8.57 -5.96 6.46
C GLN A 168 -9.59 -6.56 7.45
N THR A 169 -9.67 -7.88 7.51
CA THR A 169 -10.59 -8.53 8.45
C THR A 169 -10.24 -8.12 9.88
N LEU A 170 -8.96 -8.18 10.23
CA LEU A 170 -8.52 -7.78 11.56
C LEU A 170 -8.90 -6.33 11.83
N ASP A 171 -8.65 -5.48 10.86
CA ASP A 171 -8.94 -4.06 11.01
C ASP A 171 -10.44 -3.81 11.24
N LEU A 172 -11.31 -4.44 10.44
CA LEU A 172 -12.76 -4.30 10.59
C LEU A 172 -13.21 -4.75 11.99
N LEU A 173 -12.67 -5.86 12.46
CA LEU A 173 -13.00 -6.37 13.79
C LEU A 173 -12.50 -5.41 14.89
N THR A 174 -11.35 -4.79 14.67
CA THR A 174 -10.73 -3.90 15.63
C THR A 174 -11.40 -2.54 15.77
N ALA A 175 -11.71 -1.92 14.64
CA ALA A 175 -12.35 -0.61 14.65
C ALA A 175 -13.70 -0.65 13.94
N PRO A 176 -14.69 -1.33 14.53
CA PRO A 176 -16.03 -1.43 13.92
C PRO A 176 -16.68 -0.05 13.76
N GLN A 177 -17.05 0.28 12.52
CA GLN A 177 -17.69 1.57 12.25
C GLN A 177 -18.91 1.78 13.12
N GLY A 178 -19.02 2.97 13.71
CA GLY A 178 -20.15 3.29 14.56
C GLY A 178 -20.08 2.55 15.90
N ASN A 179 -18.87 2.39 16.40
CA ASN A 179 -18.67 1.69 17.66
C ASN A 179 -17.23 1.87 18.13
N VAL A 180 -16.98 2.98 18.82
CA VAL A 180 -15.65 3.27 19.33
C VAL A 180 -15.38 2.41 20.56
N ASP A 181 -14.39 1.54 20.45
CA ASP A 181 -14.02 0.66 21.55
C ASP A 181 -12.50 0.66 21.72
N LEU A 182 -11.99 1.72 22.33
CA LEU A 182 -10.56 1.89 22.55
C LEU A 182 -9.90 0.69 23.21
N VAL A 183 -10.72 -0.17 23.81
CA VAL A 183 -10.21 -1.36 24.49
C VAL A 183 -9.39 -2.29 23.61
N ARG A 184 -9.79 -2.45 22.35
CA ARG A 184 -9.07 -3.34 21.46
C ARG A 184 -7.91 -2.70 20.70
N PHE A 185 -7.67 -1.42 20.93
CA PHE A 185 -6.58 -0.71 20.27
C PHE A 185 -5.25 -0.99 20.98
N THR A 186 -4.82 -2.25 20.96
CA THR A 186 -3.56 -2.65 21.59
C THR A 186 -2.41 -2.55 20.59
N GLU A 187 -1.18 -2.53 21.11
CA GLU A 187 -0.02 -2.43 20.25
C GLU A 187 0.18 -3.70 19.43
N LYS A 188 -0.13 -4.85 20.01
CA LYS A 188 0.00 -6.11 19.30
C LYS A 188 -1.00 -6.22 18.15
N ARG A 189 -2.22 -5.75 18.36
CA ARG A 189 -3.24 -5.78 17.32
C ARG A 189 -2.79 -4.82 16.22
N TYR A 190 -2.42 -3.61 16.62
CA TYR A 190 -1.96 -2.61 15.66
C TYR A 190 -0.83 -3.16 14.78
N LYS A 191 0.18 -3.78 15.39
CA LYS A 191 1.28 -4.32 14.61
C LYS A 191 0.83 -5.41 13.65
N SER A 192 -0.11 -6.24 14.09
CA SER A 192 -0.62 -7.31 13.24
C SER A 192 -1.40 -6.75 12.05
N ILE A 193 -2.20 -5.72 12.30
CA ILE A 193 -2.97 -5.11 11.22
C ILE A 193 -2.02 -4.53 10.16
N VAL A 194 -1.03 -3.77 10.61
CA VAL A 194 -0.05 -3.15 9.72
C VAL A 194 0.72 -4.20 8.91
N LYS A 195 1.13 -5.26 9.59
CA LYS A 195 1.86 -6.31 8.94
C LYS A 195 1.08 -6.96 7.80
N TYR A 196 -0.14 -7.39 8.11
CA TYR A 196 -0.96 -8.06 7.11
C TYR A 196 -1.67 -7.15 6.10
N LYS A 197 -2.28 -6.08 6.60
CA LYS A 197 -3.02 -5.18 5.73
C LYS A 197 -2.18 -4.25 4.83
N THR A 198 -0.98 -3.89 5.30
CA THR A 198 -0.14 -2.96 4.55
C THR A 198 1.26 -3.40 4.14
N ALA A 199 2.05 -3.87 5.11
CA ALA A 199 3.44 -4.24 4.90
C ALA A 199 3.75 -5.26 3.81
N PHE A 200 3.01 -6.36 3.82
CA PHE A 200 3.24 -7.42 2.86
C PHE A 200 3.09 -7.01 1.40
N TYR A 201 1.96 -6.43 1.03
CA TYR A 201 1.77 -6.06 -0.36
C TYR A 201 2.42 -4.74 -0.77
N SER A 202 2.70 -3.87 0.21
CA SER A 202 3.30 -2.58 -0.11
C SER A 202 4.81 -2.59 -0.16
N PHE A 203 5.44 -3.45 0.62
CA PHE A 203 6.90 -3.48 0.65
C PHE A 203 7.51 -4.81 0.25
N TYR A 204 6.93 -5.91 0.71
CA TYR A 204 7.48 -7.19 0.33
C TYR A 204 7.11 -7.56 -1.12
N LEU A 205 5.84 -7.49 -1.47
CA LEU A 205 5.40 -7.86 -2.83
C LEU A 205 6.23 -7.29 -4.00
N PRO A 206 6.43 -5.96 -4.05
CA PRO A 206 7.19 -5.33 -5.14
C PRO A 206 8.61 -5.88 -5.33
N ILE A 207 9.37 -5.93 -4.24
CA ILE A 207 10.74 -6.44 -4.30
C ILE A 207 10.77 -7.94 -4.60
N ALA A 208 9.90 -8.69 -3.94
CA ALA A 208 9.82 -10.14 -4.14
C ALA A 208 9.50 -10.44 -5.60
N ALA A 209 8.67 -9.60 -6.21
CA ALA A 209 8.30 -9.81 -7.60
C ALA A 209 9.55 -9.63 -8.47
N ALA A 210 10.28 -8.56 -8.20
CA ALA A 210 11.51 -8.26 -8.94
C ALA A 210 12.51 -9.38 -8.73
N MET A 211 12.60 -9.90 -7.50
CA MET A 211 13.50 -10.99 -7.22
C MET A 211 13.18 -12.21 -8.09
N TYR A 212 11.90 -12.58 -8.20
CA TYR A 212 11.55 -13.75 -9.02
C TYR A 212 11.85 -13.54 -10.49
N MET A 213 11.61 -12.33 -10.99
CA MET A 213 11.87 -12.04 -12.39
C MET A 213 13.37 -12.06 -12.69
N ALA A 214 14.18 -12.01 -11.63
CA ALA A 214 15.63 -12.01 -11.75
C ALA A 214 16.16 -13.42 -11.49
N GLY A 215 15.26 -14.35 -11.21
CA GLY A 215 15.67 -15.72 -10.96
C GLY A 215 15.92 -16.03 -9.50
N ILE A 216 15.84 -15.01 -8.65
CA ILE A 216 16.07 -15.20 -7.23
C ILE A 216 14.81 -15.76 -6.57
N ASP A 217 14.60 -17.07 -6.73
CA ASP A 217 13.45 -17.72 -6.15
C ASP A 217 13.78 -18.50 -4.88
N GLY A 218 14.98 -18.32 -4.38
CA GLY A 218 15.38 -19.02 -3.16
C GLY A 218 14.49 -18.66 -1.98
N GLU A 219 14.03 -19.66 -1.25
CA GLU A 219 13.17 -19.43 -0.11
C GLU A 219 13.88 -18.65 0.98
N LYS A 220 15.18 -18.91 1.14
CA LYS A 220 15.97 -18.22 2.15
C LYS A 220 16.18 -16.75 1.77
N GLU A 221 16.47 -16.49 0.50
CA GLU A 221 16.66 -15.11 0.03
C GLU A 221 15.36 -14.32 0.22
N HIS A 222 14.23 -14.96 -0.07
CA HIS A 222 12.93 -14.32 0.08
C HIS A 222 12.61 -14.11 1.55
N ALA A 223 12.96 -15.10 2.37
CA ALA A 223 12.71 -14.98 3.78
C ALA A 223 13.52 -13.83 4.40
N ASN A 224 14.76 -13.64 3.94
CA ASN A 224 15.61 -12.56 4.45
C ASN A 224 15.14 -11.18 3.99
N ALA A 225 14.69 -11.10 2.74
CA ALA A 225 14.20 -9.84 2.21
C ALA A 225 12.92 -9.45 2.97
N LYS A 226 12.06 -10.43 3.23
CA LYS A 226 10.81 -10.19 3.95
C LYS A 226 11.08 -9.65 5.33
N LYS A 227 12.07 -10.22 6.00
CA LYS A 227 12.46 -9.79 7.34
C LYS A 227 12.70 -8.29 7.35
N ILE A 228 13.41 -7.81 6.34
CA ILE A 228 13.73 -6.40 6.22
C ILE A 228 12.54 -5.55 5.82
N LEU A 229 11.90 -5.94 4.71
CA LEU A 229 10.76 -5.19 4.18
C LEU A 229 9.56 -5.05 5.13
N LEU A 230 9.26 -6.08 5.91
CA LEU A 230 8.12 -5.98 6.83
C LEU A 230 8.44 -4.97 7.93
N GLU A 231 9.70 -4.91 8.35
CA GLU A 231 10.10 -3.95 9.38
C GLU A 231 9.96 -2.55 8.79
N MET A 232 10.36 -2.37 7.52
CA MET A 232 10.26 -1.06 6.87
C MET A 232 8.78 -0.73 6.67
N GLY A 233 7.97 -1.75 6.39
CA GLY A 233 6.55 -1.53 6.21
C GLY A 233 5.91 -1.07 7.51
N GLU A 234 6.39 -1.62 8.61
CA GLU A 234 5.87 -1.24 9.92
C GLU A 234 6.20 0.21 10.23
N PHE A 235 7.44 0.62 9.95
CA PHE A 235 7.85 2.01 10.19
C PHE A 235 7.04 2.94 9.28
N PHE A 236 6.89 2.56 8.02
CA PHE A 236 6.13 3.38 7.10
C PHE A 236 4.74 3.74 7.62
N GLN A 237 3.98 2.74 8.03
CA GLN A 237 2.62 2.97 8.54
C GLN A 237 2.61 3.81 9.81
N ILE A 238 3.58 3.57 10.70
CA ILE A 238 3.67 4.32 11.95
C ILE A 238 3.95 5.77 11.59
N GLN A 239 4.91 6.01 10.71
CA GLN A 239 5.20 7.38 10.30
C GLN A 239 3.98 7.97 9.56
N ASP A 240 3.29 7.14 8.79
CA ASP A 240 2.09 7.58 8.06
C ASP A 240 1.03 8.03 9.06
N ASP A 241 0.85 7.24 10.12
CA ASP A 241 -0.13 7.59 11.16
C ASP A 241 0.22 8.89 11.84
N TYR A 242 1.49 9.04 12.20
CA TYR A 242 1.97 10.24 12.86
C TYR A 242 1.77 11.49 11.99
N LEU A 243 2.10 11.39 10.71
CA LEU A 243 1.97 12.49 9.78
C LEU A 243 0.52 12.84 9.47
N ASP A 244 -0.36 11.86 9.61
CA ASP A 244 -1.77 12.08 9.35
C ASP A 244 -2.28 13.26 10.17
N LEU A 245 -1.77 13.40 11.40
CA LEU A 245 -2.18 14.48 12.27
C LEU A 245 -1.13 15.59 12.41
N PHE A 246 0.10 15.18 12.70
CA PHE A 246 1.18 16.13 12.92
C PHE A 246 1.96 16.50 11.67
N GLY A 247 1.49 16.04 10.51
CA GLY A 247 2.16 16.36 9.28
C GLY A 247 1.67 17.69 8.72
N ASP A 248 2.49 18.29 7.85
CA ASP A 248 2.16 19.56 7.22
C ASP A 248 1.47 19.29 5.88
N PRO A 249 0.18 19.63 5.77
CA PRO A 249 -0.62 19.43 4.55
C PRO A 249 0.05 19.99 3.30
N SER A 250 0.82 21.07 3.46
CA SER A 250 1.52 21.67 2.34
C SER A 250 2.59 20.74 1.80
N VAL A 251 3.10 19.85 2.65
CA VAL A 251 4.13 18.91 2.25
C VAL A 251 3.55 17.52 2.00
N THR A 252 2.59 17.13 2.86
CA THR A 252 1.94 15.83 2.74
C THR A 252 0.94 15.82 1.58
N GLY A 253 0.25 16.94 1.39
CA GLY A 253 -0.73 17.01 0.32
C GLY A 253 -2.06 16.40 0.72
N LYS A 254 -2.30 16.25 2.02
CA LYS A 254 -3.56 15.69 2.46
C LYS A 254 -3.91 16.13 3.88
N ILE A 255 -5.20 16.02 4.20
CA ILE A 255 -5.68 16.40 5.52
C ILE A 255 -6.00 15.15 6.32
N GLY A 256 -5.58 15.13 7.58
CA GLY A 256 -5.80 13.96 8.42
C GLY A 256 -7.26 13.71 8.78
N THR A 257 -7.65 12.44 8.80
CA THR A 257 -9.01 12.07 9.15
C THR A 257 -9.07 10.81 10.02
N ASP A 258 -7.90 10.33 10.45
CA ASP A 258 -7.82 9.12 11.28
C ASP A 258 -8.63 9.22 12.57
N ILE A 259 -8.54 10.36 13.23
CA ILE A 259 -9.26 10.57 14.48
C ILE A 259 -10.76 10.49 14.19
N GLN A 260 -11.22 11.27 13.21
CA GLN A 260 -12.62 11.30 12.83
C GLN A 260 -13.13 9.92 12.42
N ASP A 261 -12.28 9.17 11.70
CA ASP A 261 -12.67 7.83 11.25
C ASP A 261 -12.45 6.73 12.29
N ASN A 262 -12.11 7.12 13.51
CA ASN A 262 -11.91 6.14 14.58
C ASN A 262 -10.94 5.02 14.17
N LYS A 263 -9.86 5.40 13.50
CA LYS A 263 -8.89 4.41 13.05
C LYS A 263 -7.96 3.98 14.18
N CYS A 264 -7.46 2.75 14.10
CA CYS A 264 -6.52 2.22 15.07
C CYS A 264 -5.16 2.74 14.63
N SER A 265 -4.90 4.01 14.95
CA SER A 265 -3.67 4.69 14.58
C SER A 265 -2.61 4.44 15.65
N TRP A 266 -1.35 4.56 15.24
CA TRP A 266 -0.24 4.38 16.17
C TRP A 266 -0.33 5.45 17.26
N LEU A 267 -0.79 6.63 16.89
CA LEU A 267 -0.92 7.72 17.84
C LEU A 267 -1.90 7.37 18.96
N VAL A 268 -3.07 6.86 18.60
CA VAL A 268 -4.07 6.51 19.61
C VAL A 268 -3.60 5.33 20.46
N VAL A 269 -2.84 4.42 19.87
CA VAL A 269 -2.35 3.28 20.62
C VAL A 269 -1.33 3.74 21.67
N GLN A 270 -0.48 4.68 21.28
CA GLN A 270 0.53 5.21 22.17
C GLN A 270 -0.12 6.12 23.22
N CYS A 271 -1.17 6.82 22.81
CA CYS A 271 -1.88 7.71 23.72
C CYS A 271 -2.63 6.89 24.77
N LEU A 272 -3.02 5.67 24.42
CA LEU A 272 -3.73 4.81 25.34
C LEU A 272 -2.78 4.12 26.33
N GLN A 273 -1.48 4.15 26.04
CA GLN A 273 -0.52 3.51 26.94
C GLN A 273 0.03 4.52 27.96
N ARG A 274 -0.12 5.81 27.65
CA ARG A 274 0.38 6.86 28.53
C ARG A 274 -0.72 7.68 29.18
N ALA A 275 -1.95 7.47 28.73
CA ALA A 275 -3.09 8.20 29.25
C ALA A 275 -3.51 7.77 30.65
N THR A 276 -4.00 8.74 31.41
CA THR A 276 -4.48 8.49 32.76
C THR A 276 -5.98 8.37 32.70
N PRO A 277 -6.60 7.79 33.74
CA PRO A 277 -8.05 7.60 33.80
C PRO A 277 -8.84 8.82 33.29
N GLU A 278 -8.37 10.02 33.62
CA GLU A 278 -9.05 11.23 33.20
C GLU A 278 -8.79 11.55 31.74
N GLN A 279 -7.56 11.32 31.28
CA GLN A 279 -7.20 11.57 29.91
C GLN A 279 -7.93 10.60 29.00
N TYR A 280 -7.95 9.33 29.41
CA TYR A 280 -8.63 8.29 28.66
C TYR A 280 -10.08 8.66 28.40
N GLN A 281 -10.69 9.29 29.41
CA GLN A 281 -12.07 9.70 29.32
C GLN A 281 -12.25 10.70 28.18
N ILE A 282 -11.36 11.68 28.12
CA ILE A 282 -11.43 12.70 27.09
C ILE A 282 -11.28 12.07 25.71
N LEU A 283 -10.42 11.06 25.62
CA LEU A 283 -10.18 10.38 24.36
C LEU A 283 -11.42 9.57 23.98
N LYS A 284 -12.02 8.93 24.98
CA LYS A 284 -13.20 8.12 24.79
C LYS A 284 -14.42 8.95 24.38
N GLU A 285 -14.40 10.24 24.69
CA GLU A 285 -15.51 11.12 24.35
C GLU A 285 -15.18 12.12 23.24
N ASN A 286 -14.13 11.85 22.49
CA ASN A 286 -13.75 12.74 21.40
C ASN A 286 -13.18 12.01 20.19
N TYR A 287 -12.81 10.74 20.36
CA TYR A 287 -12.27 9.98 19.24
C TYR A 287 -13.41 9.49 18.35
N GLY A 288 -13.19 9.57 17.04
CA GLY A 288 -14.21 9.11 16.11
C GLY A 288 -15.29 10.16 15.90
N GLN A 289 -14.98 11.40 16.23
CA GLN A 289 -15.91 12.51 16.07
C GLN A 289 -15.47 13.39 14.92
N LYS A 290 -16.43 13.97 14.20
CA LYS A 290 -16.12 14.84 13.08
C LYS A 290 -15.98 16.30 13.47
N GLU A 291 -16.61 16.71 14.57
CA GLU A 291 -16.53 18.10 15.03
C GLU A 291 -15.08 18.50 15.29
N ALA A 292 -14.63 19.53 14.59
CA ALA A 292 -13.26 20.01 14.73
C ALA A 292 -12.86 20.23 16.18
N GLU A 293 -13.81 20.70 16.99
CA GLU A 293 -13.56 20.97 18.40
C GLU A 293 -13.13 19.71 19.14
N LYS A 294 -13.79 18.59 18.84
CA LYS A 294 -13.48 17.32 19.48
C LYS A 294 -12.15 16.76 18.98
N VAL A 295 -11.89 16.95 17.69
CA VAL A 295 -10.64 16.48 17.09
C VAL A 295 -9.48 17.24 17.74
N ALA A 296 -9.63 18.56 17.85
CA ALA A 296 -8.59 19.39 18.45
C ALA A 296 -8.27 18.93 19.87
N ARG A 297 -9.27 18.45 20.58
CA ARG A 297 -9.05 17.96 21.94
C ARG A 297 -8.12 16.76 21.92
N VAL A 298 -8.36 15.84 21.00
CA VAL A 298 -7.55 14.65 20.87
C VAL A 298 -6.11 15.05 20.57
N LYS A 299 -5.93 15.88 19.55
CA LYS A 299 -4.60 16.34 19.20
C LYS A 299 -3.91 17.01 20.39
N ALA A 300 -4.69 17.74 21.20
CA ALA A 300 -4.14 18.43 22.37
C ALA A 300 -3.60 17.40 23.36
N LEU A 301 -4.36 16.34 23.59
CA LEU A 301 -3.94 15.30 24.52
C LEU A 301 -2.66 14.61 24.02
N TYR A 302 -2.59 14.37 22.72
CA TYR A 302 -1.40 13.72 22.14
C TYR A 302 -0.14 14.52 22.45
N GLU A 303 -0.20 15.83 22.20
CA GLU A 303 0.95 16.70 22.46
C GLU A 303 1.32 16.68 23.94
N GLU A 304 0.32 16.75 24.80
CA GLU A 304 0.57 16.73 26.24
C GLU A 304 1.36 15.49 26.62
N LEU A 305 1.02 14.36 26.02
CA LEU A 305 1.71 13.12 26.31
C LEU A 305 3.02 13.07 25.52
N ASP A 306 3.35 14.18 24.87
CA ASP A 306 4.57 14.30 24.08
C ASP A 306 4.75 13.18 23.07
N LEU A 307 3.68 12.82 22.37
CA LEU A 307 3.78 11.75 21.38
C LEU A 307 4.70 12.14 20.23
N PRO A 308 4.71 13.43 19.84
CA PRO A 308 5.59 13.84 18.74
C PRO A 308 7.07 13.54 19.03
N ALA A 309 7.47 13.66 20.29
CA ALA A 309 8.85 13.37 20.64
C ALA A 309 9.03 11.87 20.70
N VAL A 310 8.00 11.16 21.13
CA VAL A 310 8.06 9.71 21.19
C VAL A 310 8.31 9.15 19.79
N PHE A 311 7.63 9.74 18.80
CA PHE A 311 7.77 9.31 17.41
C PHE A 311 9.17 9.65 16.87
N LEU A 312 9.64 10.84 17.23
CA LEU A 312 10.96 11.30 16.79
C LEU A 312 12.01 10.29 17.23
N GLN A 313 11.91 9.89 18.50
CA GLN A 313 12.84 8.92 19.05
C GLN A 313 12.64 7.55 18.40
N TYR A 314 11.40 7.25 18.04
CA TYR A 314 11.11 5.98 17.40
C TYR A 314 11.72 5.92 16.00
N GLU A 315 11.60 7.00 15.25
CA GLU A 315 12.15 7.02 13.91
C GLU A 315 13.66 6.76 13.90
N GLU A 316 14.36 7.38 14.85
CA GLU A 316 15.81 7.20 14.94
C GLU A 316 16.16 5.76 15.30
N ASP A 317 15.46 5.18 16.26
CA ASP A 317 15.75 3.79 16.62
C ASP A 317 15.37 2.86 15.47
N SER A 318 14.26 3.15 14.81
CA SER A 318 13.79 2.33 13.68
C SER A 318 14.83 2.34 12.55
N TYR A 319 15.33 3.53 12.22
CA TYR A 319 16.31 3.64 11.16
C TYR A 319 17.56 2.80 11.48
N SER A 320 18.09 2.94 12.69
CA SER A 320 19.28 2.18 13.08
C SER A 320 19.00 0.70 12.95
N HIS A 321 17.82 0.29 13.42
CA HIS A 321 17.48 -1.12 13.34
C HIS A 321 17.42 -1.61 11.89
N ILE A 322 16.81 -0.83 11.00
CA ILE A 322 16.72 -1.19 9.59
C ILE A 322 18.09 -1.32 8.93
N MET A 323 19.00 -0.40 9.25
CA MET A 323 20.34 -0.46 8.70
C MET A 323 20.98 -1.75 9.17
N ALA A 324 20.82 -2.06 10.45
CA ALA A 324 21.40 -3.29 10.98
C ALA A 324 20.77 -4.49 10.27
N LEU A 325 19.47 -4.44 10.04
CA LEU A 325 18.78 -5.53 9.36
C LEU A 325 19.33 -5.68 7.94
N ILE A 326 19.53 -4.56 7.27
CA ILE A 326 20.08 -4.58 5.92
C ILE A 326 21.49 -5.16 5.96
N GLU A 327 22.29 -4.64 6.90
CA GLU A 327 23.66 -5.07 7.08
C GLU A 327 23.75 -6.58 7.28
N GLN A 328 22.71 -7.15 7.89
CA GLN A 328 22.69 -8.57 8.18
C GLN A 328 21.99 -9.49 7.17
N TYR A 329 20.87 -9.05 6.61
CA TYR A 329 20.08 -9.90 5.69
C TYR A 329 20.06 -9.54 4.22
N ALA A 330 20.68 -8.43 3.85
CA ALA A 330 20.70 -8.01 2.45
C ALA A 330 21.38 -9.05 1.55
N ALA A 331 22.62 -9.40 1.88
CA ALA A 331 23.38 -10.37 1.09
C ALA A 331 22.59 -11.66 0.84
N PRO A 332 22.73 -12.24 -0.36
CA PRO A 332 23.57 -11.78 -1.48
C PRO A 332 23.00 -10.66 -2.34
N LEU A 333 21.84 -10.12 -1.97
CA LEU A 333 21.26 -9.04 -2.77
C LEU A 333 22.03 -7.75 -2.53
N PRO A 334 22.03 -6.86 -3.53
CA PRO A 334 22.74 -5.58 -3.38
C PRO A 334 22.00 -4.75 -2.32
N PRO A 335 22.73 -4.25 -1.31
CA PRO A 335 22.11 -3.44 -0.26
C PRO A 335 21.31 -2.27 -0.82
N ALA A 336 21.75 -1.76 -1.96
CA ALA A 336 21.09 -0.63 -2.60
C ALA A 336 19.58 -0.90 -2.78
N VAL A 337 19.20 -2.16 -3.02
CA VAL A 337 17.80 -2.50 -3.20
C VAL A 337 16.97 -2.04 -2.01
N PHE A 338 17.52 -2.25 -0.81
CA PHE A 338 16.84 -1.87 0.42
C PHE A 338 17.15 -0.43 0.81
N LEU A 339 18.39 0.00 0.58
CA LEU A 339 18.77 1.36 0.94
C LEU A 339 17.97 2.38 0.14
N GLY A 340 17.66 2.04 -1.11
CA GLY A 340 16.89 2.93 -1.97
C GLY A 340 15.51 3.21 -1.39
N LEU A 341 14.88 2.16 -0.88
CA LEU A 341 13.57 2.25 -0.27
C LEU A 341 13.64 3.00 1.05
N ALA A 342 14.65 2.66 1.87
CA ALA A 342 14.81 3.32 3.16
C ALA A 342 14.96 4.84 3.04
N ARG A 343 15.73 5.27 2.05
CA ARG A 343 15.98 6.69 1.83
C ARG A 343 14.68 7.40 1.47
N LYS A 344 13.82 6.69 0.75
CA LYS A 344 12.54 7.23 0.35
C LYS A 344 11.54 7.35 1.50
N ILE A 345 11.41 6.30 2.30
CA ILE A 345 10.43 6.36 3.37
C ILE A 345 10.86 7.13 4.62
N TYR A 346 12.14 7.07 4.96
CA TYR A 346 12.63 7.79 6.12
C TYR A 346 12.85 9.25 5.77
N LYS A 347 11.87 10.09 6.11
CA LYS A 347 11.92 11.51 5.80
C LYS A 347 12.36 12.34 7.01
#